data_4Z9L
#
_entry.id   4Z9L
#
_cell.length_a   50.951
_cell.length_b   71.525
_cell.length_c   106.000
_cell.angle_alpha   90.00
_cell.angle_beta   90.00
_cell.angle_gamma   90.00
#
_symmetry.space_group_name_H-M   'P 21 21 21'
#
loop_
_entity.id
_entity.type
_entity.pdbx_description
1 polymer 'Mitogen-activated protein kinase 10'
2 non-polymer 'PHOSPHOAMINOPHOSPHONIC ACID-ADENYLATE ESTER'
3 non-polymer CYCLOHEXYL-{4-[5-(3,4-DICHLOROPHENYL)-2-PIPERIDIN-4-YL-3-PROPYL-3H-IMIDAZOL-4-YL]-PYRIMIDIN-2-YL}AMINE
4 non-polymer 'UNKNOWN ATOM OR ION'
5 water water
#
_entity_poly.entity_id   1
_entity_poly.type   'polypeptide(L)'
_entity_poly.pdbx_seq_one_letter_code
;MASKSKVDNQFYSVEVGDSTFTVLKRYQNLKPIGSGAQGIVCAAYDAVLDRNVAIKKLSRPFQNQTHAKRAYRELVLMKC
VNHKNIISLLNVFTPQKTLEEFQDVYLVMELMDANLCQVIQMELDHERMSYLLYQMLCGIKHLHSAGIIHRDLKPSNIVV
KSDCTLKILDFGLARTAGTSFMMTPYVVTRYYRAPEVILGMGYKENVDIWSVGCIMGEMVRHKILFPGRDYIDQWNKVIE
QLGTPCPEFMKKLQPTVRNYVENRPKYAGLTFPKLFPDSLFPADSEHNKLKASQARDLLSKMLVIDPAKRISVDDALQHP
YINVWYDPAEVEAPPPQIYDKQLDEREHTIEEWKELIYKEVMNS
;
_entity_poly.pdbx_strand_id   A
#
loop_
_chem_comp.id
_chem_comp.type
_chem_comp.name
_chem_comp.formula
880 non-polymer CYCLOHEXYL-{4-[5-(3,4-DICHLOROPHENYL)-2-PIPERIDIN-4-YL-3-PROPYL-3H-IMIDAZOL-4-YL]-PYRIMIDIN-2-YL}AMINE 'C27 H34 Cl2 N6'
ANP non-polymer 'PHOSPHOAMINOPHOSPHONIC ACID-ADENYLATE ESTER' 'C10 H17 N6 O12 P3'
UNX non-polymer 'UNKNOWN ATOM OR ION' ?
#
# COMPACT_ATOMS: atom_id res chain seq x y z
N ASP A 8 -25.58 22.21 -13.59
CA ASP A 8 -24.88 22.87 -12.49
C ASP A 8 -23.69 23.69 -13.00
N ASN A 9 -23.84 25.03 -12.92
CA ASN A 9 -22.89 26.08 -13.31
C ASN A 9 -21.52 25.96 -12.61
N GLN A 10 -21.46 25.25 -11.46
CA GLN A 10 -20.21 25.08 -10.70
C GLN A 10 -19.24 24.11 -11.35
N PHE A 11 -19.74 23.29 -12.28
CA PHE A 11 -18.96 22.22 -12.92
C PHE A 11 -18.72 22.44 -14.41
N TYR A 12 -17.70 21.76 -14.94
CA TYR A 12 -17.38 21.75 -16.37
C TYR A 12 -16.86 20.37 -16.77
N SER A 13 -17.12 19.94 -18.01
CA SER A 13 -16.68 18.62 -18.47
C SER A 13 -15.45 18.66 -19.37
N VAL A 14 -14.51 17.72 -19.15
CA VAL A 14 -13.27 17.58 -19.94
C VAL A 14 -13.12 16.16 -20.46
N GLU A 15 -12.64 16.01 -21.70
CA GLU A 15 -12.41 14.69 -22.29
C GLU A 15 -11.08 14.15 -21.83
N VAL A 16 -11.11 13.01 -21.11
CA VAL A 16 -9.92 12.32 -20.57
C VAL A 16 -9.92 10.89 -21.14
N GLY A 17 -9.26 10.74 -22.30
CA GLY A 17 -9.21 9.48 -23.03
C GLY A 17 -10.59 9.13 -23.55
N ASP A 18 -11.17 8.06 -23.00
CA ASP A 18 -12.52 7.61 -23.35
C ASP A 18 -13.52 8.12 -22.33
N SER A 19 -13.02 8.55 -21.16
CA SER A 19 -13.79 9.05 -20.01
C SER A 19 -14.04 10.56 -20.00
N THR A 20 -15.14 10.98 -19.38
CA THR A 20 -15.47 12.38 -19.20
C THR A 20 -15.28 12.75 -17.72
N PHE A 21 -14.44 13.75 -17.45
CA PHE A 21 -14.25 14.23 -16.09
C PHE A 21 -15.13 15.49 -15.91
N THR A 22 -16.17 15.41 -15.07
CA THR A 22 -17.05 16.56 -14.77
C THR A 22 -16.65 17.06 -13.39
N VAL A 23 -15.84 18.12 -13.38
CA VAL A 23 -15.25 18.62 -12.14
C VAL A 23 -15.64 20.05 -11.82
N LEU A 24 -15.43 20.48 -10.56
CA LEU A 24 -15.67 21.85 -10.09
C LEU A 24 -14.70 22.75 -10.86
N LYS A 25 -15.17 23.92 -11.29
CA LYS A 25 -14.40 24.88 -12.10
C LYS A 25 -13.09 25.35 -11.46
N ARG A 26 -12.93 25.18 -10.14
CA ARG A 26 -11.69 25.49 -9.42
C ARG A 26 -10.49 24.61 -9.88
N TYR A 27 -10.75 23.40 -10.46
CA TYR A 27 -9.73 22.45 -10.93
C TYR A 27 -9.50 22.64 -12.38
N GLN A 28 -8.29 23.06 -12.72
CA GLN A 28 -7.94 23.48 -14.06
C GLN A 28 -6.77 22.71 -14.63
N ASN A 29 -6.68 22.72 -15.98
CA ASN A 29 -5.63 22.08 -16.79
C ASN A 29 -5.52 20.61 -16.43
N LEU A 30 -6.65 19.89 -16.51
CA LEU A 30 -6.66 18.46 -16.17
C LEU A 30 -5.76 17.65 -17.10
N LYS A 31 -4.90 16.80 -16.52
CA LYS A 31 -3.97 15.96 -17.29
C LYS A 31 -4.03 14.53 -16.77
N PRO A 32 -4.29 13.52 -17.62
CA PRO A 32 -4.30 12.12 -17.13
C PRO A 32 -2.94 11.73 -16.55
N ILE A 33 -2.91 11.03 -15.40
CA ILE A 33 -1.61 10.63 -14.79
C ILE A 33 -1.55 9.14 -14.48
N GLY A 34 -2.65 8.44 -14.73
CA GLY A 34 -2.73 7.01 -14.52
C GLY A 34 -4.11 6.52 -14.20
N SER A 35 -4.31 5.24 -14.42
CA SER A 35 -5.58 4.56 -14.18
C SER A 35 -5.31 3.14 -13.68
N GLY A 36 -6.32 2.58 -13.06
CA GLY A 36 -6.31 1.21 -12.53
C GLY A 36 -7.72 0.67 -12.57
N ALA A 37 -7.93 -0.50 -11.96
CA ALA A 37 -9.24 -1.18 -11.93
C ALA A 37 -10.32 -0.34 -11.27
N GLN A 38 -9.93 0.46 -10.26
CA GLN A 38 -10.84 1.32 -9.49
C GLN A 38 -11.24 2.64 -10.14
N GLY A 39 -10.33 3.29 -10.86
CA GLY A 39 -10.63 4.57 -11.49
C GLY A 39 -9.50 5.26 -12.21
N ILE A 40 -9.83 6.42 -12.82
CA ILE A 40 -8.93 7.25 -13.60
C ILE A 40 -8.46 8.39 -12.70
N VAL A 41 -7.17 8.74 -12.83
CA VAL A 41 -6.57 9.80 -12.03
C VAL A 41 -6.02 10.89 -12.94
N CYS A 42 -6.30 12.17 -12.59
CA CYS A 42 -5.80 13.33 -13.30
C CYS A 42 -4.99 14.20 -12.35
N ALA A 43 -4.05 14.97 -12.88
CA ALA A 43 -3.32 16.02 -12.19
C ALA A 43 -4.13 17.28 -12.58
N ALA A 44 -4.17 18.30 -11.71
CA ALA A 44 -4.90 19.54 -11.95
C ALA A 44 -4.36 20.61 -11.05
N TYR A 45 -4.63 21.85 -11.42
CA TYR A 45 -4.30 23.02 -10.64
C TYR A 45 -5.59 23.43 -9.92
N ASP A 46 -5.54 23.51 -8.59
CA ASP A 46 -6.69 23.96 -7.81
C ASP A 46 -6.48 25.50 -7.64
N ALA A 47 -7.23 26.31 -8.39
CA ALA A 47 -7.17 27.80 -8.30
C ALA A 47 -7.61 28.35 -6.93
N VAL A 48 -8.39 27.59 -6.14
CA VAL A 48 -8.83 28.05 -4.82
C VAL A 48 -7.68 27.90 -3.81
N LEU A 49 -7.04 26.74 -3.78
CA LEU A 49 -5.93 26.52 -2.84
C LEU A 49 -4.58 27.03 -3.33
N ASP A 50 -4.46 27.29 -4.66
CA ASP A 50 -3.22 27.69 -5.34
C ASP A 50 -2.19 26.54 -5.16
N ARG A 51 -2.66 25.30 -5.37
CA ARG A 51 -1.90 24.07 -5.23
C ARG A 51 -2.27 23.10 -6.35
N ASN A 52 -1.32 22.23 -6.71
CA ASN A 52 -1.62 21.17 -7.68
C ASN A 52 -2.21 20.02 -6.91
N VAL A 53 -3.22 19.39 -7.50
CA VAL A 53 -3.93 18.28 -6.91
C VAL A 53 -4.02 17.10 -7.85
N ALA A 54 -4.33 15.96 -7.26
CA ALA A 54 -4.62 14.71 -7.96
C ALA A 54 -6.12 14.52 -7.78
N ILE A 55 -6.84 14.21 -8.86
CA ILE A 55 -8.28 13.98 -8.84
C ILE A 55 -8.56 12.58 -9.32
N LYS A 56 -9.21 11.77 -8.48
CA LYS A 56 -9.60 10.43 -8.84
C LYS A 56 -11.10 10.34 -9.05
N LYS A 57 -11.51 9.79 -10.20
CA LYS A 57 -12.91 9.57 -10.52
C LYS A 57 -13.25 8.09 -10.28
N LEU A 58 -14.34 7.85 -9.56
CA LEU A 58 -14.88 6.51 -9.32
C LEU A 58 -16.17 6.49 -10.11
N SER A 59 -16.22 5.69 -11.19
CA SER A 59 -17.40 5.59 -12.05
C SER A 59 -18.31 4.52 -11.51
N ARG A 60 -19.50 4.91 -11.05
CA ARG A 60 -20.55 4.05 -10.48
C ARG A 60 -19.88 3.05 -9.49
N PRO A 61 -19.30 3.52 -8.35
CA PRO A 61 -18.56 2.58 -7.48
C PRO A 61 -19.45 1.50 -6.88
N PHE A 62 -20.76 1.75 -6.86
CA PHE A 62 -21.78 0.82 -6.37
C PHE A 62 -22.15 -0.28 -7.40
N GLN A 63 -21.49 -0.31 -8.61
CA GLN A 63 -21.77 -1.25 -9.70
C GLN A 63 -21.63 -2.72 -9.28
N ASN A 64 -20.71 -3.04 -8.35
CA ASN A 64 -20.61 -4.39 -7.83
C ASN A 64 -20.09 -4.35 -6.39
N GLN A 65 -20.19 -5.47 -5.67
CA GLN A 65 -19.78 -5.65 -4.28
C GLN A 65 -18.33 -5.27 -4.01
N THR A 66 -17.42 -5.66 -4.92
CA THR A 66 -15.98 -5.39 -4.82
C THR A 66 -15.66 -3.89 -4.91
N HIS A 67 -16.13 -3.19 -5.98
CA HIS A 67 -15.88 -1.76 -6.11
C HIS A 67 -16.57 -1.00 -4.97
N ALA A 68 -17.81 -1.41 -4.62
CA ALA A 68 -18.64 -0.76 -3.61
C ALA A 68 -18.07 -0.81 -2.21
N LYS A 69 -17.69 -2.02 -1.76
CA LYS A 69 -17.09 -2.22 -0.44
C LYS A 69 -15.83 -1.35 -0.33
N ARG A 70 -14.95 -1.43 -1.35
CA ARG A 70 -13.72 -0.64 -1.37
C ARG A 70 -13.99 0.87 -1.32
N ALA A 71 -14.87 1.40 -2.21
CA ALA A 71 -15.18 2.81 -2.21
C ALA A 71 -15.79 3.27 -0.90
N TYR A 72 -16.72 2.49 -0.34
CA TYR A 72 -17.37 2.85 0.91
C TYR A 72 -16.39 2.83 2.10
N ARG A 73 -15.67 1.72 2.27
CA ARG A 73 -14.68 1.54 3.35
C ARG A 73 -13.59 2.64 3.29
N GLU A 74 -13.11 2.98 2.08
CA GLU A 74 -12.11 4.03 1.92
C GLU A 74 -12.60 5.43 2.28
N LEU A 75 -13.83 5.81 1.84
CA LEU A 75 -14.48 7.10 2.13
C LEU A 75 -14.62 7.28 3.64
N VAL A 76 -15.10 6.23 4.34
CA VAL A 76 -15.28 6.21 5.79
C VAL A 76 -13.91 6.31 6.51
N LEU A 77 -12.95 5.41 6.18
CA LEU A 77 -11.62 5.37 6.80
C LEU A 77 -10.81 6.65 6.60
N MET A 78 -10.91 7.32 5.44
CA MET A 78 -10.21 8.59 5.17
C MET A 78 -10.60 9.75 6.12
N LYS A 79 -11.74 9.60 6.83
CA LYS A 79 -12.26 10.54 7.83
C LYS A 79 -11.85 10.01 9.22
N CYS A 80 -11.87 8.68 9.39
CA CYS A 80 -11.47 8.00 10.61
C CYS A 80 -9.96 7.67 10.52
N VAL A 81 -9.13 8.70 10.21
CA VAL A 81 -7.66 8.67 10.06
C VAL A 81 -7.08 10.09 9.94
N ASN A 82 -6.00 10.40 10.69
CA ASN A 82 -5.33 11.71 10.63
C ASN A 82 -3.81 11.56 10.81
N HIS A 83 -3.09 11.38 9.68
CA HIS A 83 -1.64 11.17 9.69
C HIS A 83 -1.03 11.54 8.35
N LYS A 84 0.12 12.20 8.37
CA LYS A 84 0.82 12.66 7.16
C LYS A 84 1.37 11.52 6.28
N ASN A 85 1.49 10.29 6.81
CA ASN A 85 1.95 9.17 5.98
C ASN A 85 0.80 8.36 5.42
N ILE A 86 -0.46 8.81 5.65
CA ILE A 86 -1.68 8.17 5.13
C ILE A 86 -2.41 9.21 4.27
N ILE A 87 -2.97 8.78 3.12
CA ILE A 87 -3.79 9.64 2.26
C ILE A 87 -4.77 10.48 3.12
N SER A 88 -4.89 11.75 2.78
CA SER A 88 -5.79 12.71 3.41
C SER A 88 -6.53 13.41 2.26
N LEU A 89 -7.85 13.57 2.36
CA LEU A 89 -8.61 14.22 1.30
C LEU A 89 -8.68 15.72 1.45
N LEU A 90 -8.54 16.44 0.33
CA LEU A 90 -8.75 17.89 0.28
C LEU A 90 -10.20 18.14 -0.05
N ASN A 91 -10.79 17.25 -0.89
CA ASN A 91 -12.18 17.41 -1.33
C ASN A 91 -12.78 16.11 -1.80
N VAL A 92 -14.11 16.05 -1.79
CA VAL A 92 -14.92 14.93 -2.29
C VAL A 92 -16.18 15.57 -2.87
N PHE A 93 -16.56 15.17 -4.09
CA PHE A 93 -17.75 15.73 -4.72
C PHE A 93 -18.33 14.81 -5.75
N THR A 94 -19.59 15.08 -6.09
CA THR A 94 -20.29 14.43 -7.18
C THR A 94 -20.94 15.55 -8.00
N PRO A 95 -20.83 15.51 -9.34
CA PRO A 95 -21.55 16.50 -10.15
C PRO A 95 -23.06 16.25 -10.17
N GLN A 96 -23.50 15.01 -9.83
CA GLN A 96 -24.93 14.64 -9.82
C GLN A 96 -25.68 15.14 -8.58
N LYS A 97 -26.87 15.71 -8.80
CA LYS A 97 -27.69 16.42 -7.80
C LYS A 97 -28.59 15.57 -6.91
N THR A 98 -28.99 14.39 -7.40
CA THR A 98 -29.92 13.52 -6.67
C THR A 98 -29.39 12.11 -6.60
N LEU A 99 -29.90 11.31 -5.64
CA LEU A 99 -29.55 9.90 -5.50
C LEU A 99 -29.91 9.15 -6.80
N GLU A 100 -31.07 9.49 -7.39
CA GLU A 100 -31.55 8.90 -8.64
C GLU A 100 -30.52 9.10 -9.75
N GLU A 101 -30.02 10.34 -9.92
CA GLU A 101 -29.01 10.65 -10.93
C GLU A 101 -27.60 10.28 -10.56
N PHE A 102 -27.32 10.07 -9.26
CA PHE A 102 -25.97 9.77 -8.73
C PHE A 102 -25.21 8.71 -9.49
N GLN A 103 -24.02 9.04 -9.97
CA GLN A 103 -23.21 8.05 -10.69
C GLN A 103 -21.76 8.01 -10.21
N ASP A 104 -21.12 9.18 -10.22
CA ASP A 104 -19.70 9.33 -9.98
C ASP A 104 -19.32 10.05 -8.72
N VAL A 105 -18.19 9.62 -8.17
CA VAL A 105 -17.55 10.21 -7.00
C VAL A 105 -16.17 10.66 -7.43
N TYR A 106 -15.81 11.93 -7.09
CA TYR A 106 -14.51 12.51 -7.34
C TYR A 106 -13.82 12.79 -6.00
N LEU A 107 -12.59 12.33 -5.88
CA LEU A 107 -11.79 12.50 -4.67
C LEU A 107 -10.60 13.32 -5.02
N VAL A 108 -10.22 14.24 -4.15
CA VAL A 108 -9.12 15.13 -4.39
C VAL A 108 -8.11 15.03 -3.25
N MET A 109 -6.82 15.00 -3.59
CA MET A 109 -5.73 15.06 -2.60
C MET A 109 -4.58 15.85 -3.22
N GLU A 110 -3.56 16.13 -2.41
CA GLU A 110 -2.32 16.79 -2.81
C GLU A 110 -1.67 16.03 -3.98
N LEU A 111 -1.17 16.74 -5.00
CA LEU A 111 -0.50 16.06 -6.12
C LEU A 111 0.88 15.58 -5.65
N MET A 112 1.16 14.29 -5.81
CA MET A 112 2.47 13.74 -5.46
C MET A 112 3.34 13.64 -6.73
N ASP A 113 4.65 13.53 -6.56
CA ASP A 113 5.61 13.52 -7.66
C ASP A 113 5.83 12.18 -8.31
N ALA A 114 5.75 11.10 -7.55
CA ALA A 114 6.02 9.77 -8.11
C ALA A 114 5.43 8.72 -7.24
N ASN A 115 5.35 7.48 -7.74
CA ASN A 115 4.92 6.37 -6.92
C ASN A 115 6.19 5.62 -6.46
N LEU A 116 6.05 4.64 -5.57
CA LEU A 116 7.20 3.91 -5.03
C LEU A 116 7.82 2.99 -6.08
N CYS A 117 7.07 2.59 -7.14
CA CYS A 117 7.56 1.76 -8.25
C CYS A 117 8.74 2.50 -8.93
N GLN A 118 8.52 3.79 -9.24
CA GLN A 118 9.50 4.67 -9.87
C GLN A 118 10.73 4.82 -8.99
N VAL A 119 10.51 5.01 -7.67
CA VAL A 119 11.57 5.11 -6.65
C VAL A 119 12.39 3.79 -6.60
N ILE A 120 11.71 2.63 -6.71
CA ILE A 120 12.34 1.29 -6.75
C ILE A 120 13.31 1.17 -7.95
N GLN A 121 12.98 1.77 -9.10
CA GLN A 121 13.83 1.73 -10.30
C GLN A 121 15.10 2.61 -10.19
N MET A 122 15.27 3.33 -9.09
CA MET A 122 16.46 4.18 -8.93
C MET A 122 17.33 3.72 -7.75
N GLU A 123 18.60 4.13 -7.75
CA GLU A 123 19.49 3.85 -6.64
C GLU A 123 19.23 4.88 -5.58
N LEU A 124 18.98 4.44 -4.36
CA LEU A 124 18.79 5.38 -3.26
C LEU A 124 19.95 5.25 -2.30
N ASP A 125 20.29 6.34 -1.61
CA ASP A 125 21.28 6.26 -0.53
C ASP A 125 20.50 5.75 0.71
N HIS A 126 21.20 5.49 1.82
CA HIS A 126 20.61 4.96 3.05
C HIS A 126 19.72 5.94 3.80
N GLU A 127 19.99 7.27 3.73
CA GLU A 127 19.17 8.30 4.39
C GLU A 127 17.78 8.30 3.79
N ARG A 128 17.69 8.30 2.45
CA ARG A 128 16.41 8.30 1.72
C ARG A 128 15.72 6.96 1.86
N MET A 129 16.46 5.85 1.65
CA MET A 129 15.87 4.53 1.81
C MET A 129 15.33 4.33 3.22
N SER A 130 16.14 4.60 4.27
CA SER A 130 15.66 4.47 5.65
C SER A 130 14.49 5.42 5.98
N TYR A 131 14.52 6.67 5.47
CA TYR A 131 13.43 7.64 5.72
C TYR A 131 12.09 7.16 5.12
N LEU A 132 12.10 6.66 3.88
CA LEU A 132 10.90 6.10 3.24
C LEU A 132 10.32 4.91 4.03
N LEU A 133 11.19 4.02 4.48
CA LEU A 133 10.76 2.83 5.24
C LEU A 133 10.19 3.25 6.60
N TYR A 134 10.86 4.23 7.28
CA TYR A 134 10.39 4.80 8.56
C TYR A 134 8.96 5.35 8.39
N GLN A 135 8.70 6.08 7.29
CA GLN A 135 7.39 6.65 6.98
C GLN A 135 6.33 5.60 6.71
N MET A 136 6.69 4.52 6.01
CA MET A 136 5.74 3.43 5.77
C MET A 136 5.35 2.83 7.13
N LEU A 137 6.37 2.60 8.01
CA LEU A 137 6.14 2.05 9.35
C LEU A 137 5.26 2.95 10.22
N CYS A 138 5.46 4.31 10.15
CA CYS A 138 4.67 5.31 10.87
C CYS A 138 3.22 5.20 10.39
N GLY A 139 3.04 5.16 9.07
CA GLY A 139 1.74 5.02 8.40
C GLY A 139 1.01 3.76 8.84
N ILE A 140 1.67 2.60 8.72
CA ILE A 140 1.12 1.29 9.14
C ILE A 140 0.79 1.28 10.65
N LYS A 141 1.70 1.82 11.50
CA LYS A 141 1.49 1.90 12.95
C LYS A 141 0.17 2.66 13.24
N HIS A 142 -0.03 3.78 12.54
CA HIS A 142 -1.24 4.59 12.69
C HIS A 142 -2.49 3.78 12.33
N LEU A 143 -2.45 3.01 11.23
CA LEU A 143 -3.55 2.14 10.83
C LEU A 143 -3.86 1.09 11.91
N HIS A 144 -2.81 0.43 12.45
CA HIS A 144 -2.93 -0.60 13.51
C HIS A 144 -3.58 -0.09 14.79
N SER A 145 -3.23 1.15 15.20
CA SER A 145 -3.76 1.80 16.40
C SER A 145 -5.28 2.05 16.31
N ALA A 146 -5.81 2.10 15.07
CA ALA A 146 -7.23 2.28 14.77
C ALA A 146 -7.91 0.95 14.46
N GLY A 147 -7.18 -0.16 14.62
CA GLY A 147 -7.67 -1.51 14.34
C GLY A 147 -7.66 -1.89 12.87
N ILE A 148 -6.98 -1.08 12.03
CA ILE A 148 -6.87 -1.31 10.59
C ILE A 148 -5.60 -2.09 10.27
N ILE A 149 -5.75 -3.34 9.82
CA ILE A 149 -4.62 -4.17 9.40
C ILE A 149 -4.73 -4.27 7.87
N HIS A 150 -3.79 -3.64 7.16
CA HIS A 150 -3.79 -3.43 5.72
C HIS A 150 -3.89 -4.74 4.91
N ARG A 151 -2.82 -5.57 4.97
CA ARG A 151 -2.65 -6.89 4.34
C ARG A 151 -2.37 -6.85 2.83
N ASP A 152 -2.44 -5.67 2.19
CA ASP A 152 -2.18 -5.60 0.75
C ASP A 152 -1.33 -4.41 0.37
N LEU A 153 -0.35 -4.06 1.19
CA LEU A 153 0.52 -2.94 0.84
C LEU A 153 1.31 -3.29 -0.41
N LYS A 154 1.38 -2.33 -1.35
CA LYS A 154 2.16 -2.52 -2.57
C LYS A 154 2.71 -1.19 -3.04
N PRO A 155 3.85 -1.18 -3.77
CA PRO A 155 4.46 0.10 -4.14
C PRO A 155 3.64 0.97 -5.10
N SER A 156 2.80 0.36 -5.95
CA SER A 156 1.96 1.18 -6.85
C SER A 156 0.92 2.01 -6.05
N ASN A 157 0.66 1.66 -4.78
CA ASN A 157 -0.27 2.39 -3.90
C ASN A 157 0.42 3.26 -2.85
N ILE A 158 1.70 3.54 -3.09
CA ILE A 158 2.47 4.40 -2.23
C ILE A 158 3.06 5.46 -3.12
N VAL A 159 2.85 6.72 -2.73
CA VAL A 159 3.36 7.86 -3.48
C VAL A 159 4.30 8.68 -2.65
N VAL A 160 5.20 9.38 -3.32
CA VAL A 160 6.24 10.18 -2.71
C VAL A 160 6.35 11.55 -3.39
N LYS A 161 6.93 12.50 -2.67
CA LYS A 161 7.26 13.83 -3.16
C LYS A 161 8.78 13.93 -3.31
N SER A 162 9.25 14.97 -4.04
CA SER A 162 10.67 15.27 -4.26
C SER A 162 11.45 15.46 -2.96
N ASP A 163 10.76 15.86 -1.86
CA ASP A 163 11.37 16.08 -0.54
C ASP A 163 11.43 14.77 0.29
N CYS A 164 11.14 13.60 -0.35
CA CYS A 164 11.19 12.24 0.23
C CYS A 164 10.00 11.92 1.17
N THR A 165 8.98 12.81 1.25
CA THR A 165 7.80 12.54 2.08
C THR A 165 6.87 11.52 1.38
N LEU A 166 6.24 10.66 2.15
CA LEU A 166 5.53 9.51 1.65
C LEU A 166 4.13 9.38 2.22
N LYS A 167 3.22 8.81 1.39
CA LYS A 167 1.84 8.53 1.73
C LYS A 167 1.38 7.20 1.17
N ILE A 168 0.64 6.41 1.99
CA ILE A 168 -0.01 5.17 1.60
C ILE A 168 -1.39 5.62 1.10
N LEU A 169 -1.79 5.22 -0.11
CA LEU A 169 -3.06 5.67 -0.70
C LEU A 169 -4.29 4.90 -0.30
N ASP A 170 -4.12 3.63 0.08
CA ASP A 170 -5.26 2.76 0.34
C ASP A 170 -5.25 2.14 1.74
N PHE A 171 -6.32 1.39 2.05
CA PHE A 171 -6.54 0.77 3.35
C PHE A 171 -6.58 -0.76 3.26
N GLY A 172 -6.20 -1.31 2.11
CA GLY A 172 -6.07 -2.75 1.86
C GLY A 172 -7.34 -3.58 1.92
N LEU A 173 -7.19 -4.84 2.34
CA LEU A 173 -8.28 -5.82 2.47
C LEU A 173 -8.84 -5.69 3.86
N SER A 180 -15.87 -10.68 -4.53
CA SER A 180 -14.44 -10.91 -4.81
C SER A 180 -14.15 -11.17 -6.30
N PHE A 181 -15.22 -11.23 -7.14
CA PHE A 181 -15.14 -11.43 -8.58
C PHE A 181 -15.23 -10.12 -9.36
N MET A 182 -14.33 -9.93 -10.33
CA MET A 182 -14.28 -8.77 -11.20
C MET A 182 -14.33 -9.21 -12.68
N MET A 183 -15.24 -8.60 -13.46
CA MET A 183 -15.43 -8.88 -14.88
C MET A 183 -14.38 -8.15 -15.73
N VAL A 188 -4.85 -8.68 -10.33
CA VAL A 188 -4.44 -8.02 -9.09
C VAL A 188 -3.06 -8.50 -8.62
N THR A 189 -2.25 -7.57 -8.11
CA THR A 189 -0.89 -7.76 -7.61
C THR A 189 -0.85 -8.47 -6.25
N ARG A 190 -0.29 -9.68 -6.23
CA ARG A 190 -0.17 -10.51 -5.02
C ARG A 190 1.27 -10.62 -4.48
N TYR A 191 2.27 -10.13 -5.24
CA TYR A 191 3.71 -10.22 -4.91
C TYR A 191 4.11 -9.86 -3.45
N TYR A 192 3.35 -8.94 -2.78
CA TYR A 192 3.67 -8.40 -1.44
C TYR A 192 2.87 -9.01 -0.30
N ARG A 193 1.99 -9.95 -0.62
CA ARG A 193 1.14 -10.63 0.36
C ARG A 193 1.88 -11.62 1.22
N ALA A 194 1.60 -11.54 2.52
CA ALA A 194 2.25 -12.35 3.54
C ALA A 194 1.91 -13.83 3.42
N PRO A 195 2.84 -14.75 3.80
CA PRO A 195 2.53 -16.20 3.78
C PRO A 195 1.22 -16.54 4.50
N GLU A 196 0.95 -15.90 5.65
CA GLU A 196 -0.29 -16.16 6.39
C GLU A 196 -1.58 -15.67 5.62
N VAL A 197 -1.44 -14.78 4.63
CA VAL A 197 -2.54 -14.31 3.76
C VAL A 197 -2.69 -15.32 2.59
N ILE A 198 -1.56 -15.70 1.96
CA ILE A 198 -1.45 -16.67 0.85
C ILE A 198 -2.06 -18.03 1.23
N LEU A 199 -1.83 -18.47 2.46
CA LEU A 199 -2.21 -19.79 2.94
C LEU A 199 -3.51 -19.85 3.79
N GLY A 200 -4.25 -18.74 3.86
CA GLY A 200 -5.51 -18.63 4.60
C GLY A 200 -5.39 -18.99 6.06
N MET A 201 -4.35 -18.48 6.70
CA MET A 201 -4.01 -18.70 8.10
C MET A 201 -4.57 -17.50 8.86
N GLY A 202 -4.48 -17.51 10.18
CA GLY A 202 -4.85 -16.32 10.94
C GLY A 202 -3.73 -15.31 10.76
N TYR A 203 -3.96 -14.04 11.13
CA TYR A 203 -2.91 -13.02 11.01
C TYR A 203 -2.99 -12.05 12.16
N LYS A 204 -1.86 -11.42 12.48
CA LYS A 204 -1.80 -10.34 13.46
C LYS A 204 -1.21 -9.07 12.75
N GLU A 205 -0.91 -8.02 13.50
CA GLU A 205 -0.38 -6.75 12.97
C GLU A 205 0.84 -6.91 12.03
N ASN A 206 1.82 -7.77 12.39
CA ASN A 206 3.07 -7.95 11.61
C ASN A 206 2.86 -8.64 10.24
N VAL A 207 1.61 -8.92 9.85
CA VAL A 207 1.32 -9.36 8.49
C VAL A 207 1.84 -8.26 7.50
N ASP A 208 1.72 -6.97 7.91
CA ASP A 208 2.15 -5.81 7.13
C ASP A 208 3.66 -5.66 7.07
N ILE A 209 4.37 -6.24 8.05
CA ILE A 209 5.83 -6.22 8.09
C ILE A 209 6.42 -7.03 6.92
N TRP A 210 5.74 -8.13 6.52
CA TRP A 210 6.21 -8.94 5.40
C TRP A 210 6.20 -8.10 4.11
N SER A 211 5.11 -7.35 3.89
CA SER A 211 4.96 -6.51 2.69
C SER A 211 6.03 -5.42 2.67
N VAL A 212 6.33 -4.84 3.83
CA VAL A 212 7.43 -3.84 3.94
C VAL A 212 8.78 -4.52 3.58
N GLY A 213 8.98 -5.76 4.04
CA GLY A 213 10.20 -6.52 3.74
C GLY A 213 10.35 -6.73 2.24
N CYS A 214 9.25 -7.11 1.56
CA CYS A 214 9.18 -7.32 0.09
C CYS A 214 9.52 -6.05 -0.63
N ILE A 215 8.97 -4.93 -0.16
CA ILE A 215 9.21 -3.60 -0.75
C ILE A 215 10.68 -3.21 -0.54
N MET A 216 11.17 -3.38 0.69
CA MET A 216 12.57 -3.04 1.02
C MET A 216 13.54 -3.87 0.19
N GLY A 217 13.28 -5.17 0.11
CA GLY A 217 14.06 -6.12 -0.68
C GLY A 217 14.10 -5.70 -2.13
N GLU A 218 12.94 -5.27 -2.65
CA GLU A 218 12.80 -4.79 -4.01
C GLU A 218 13.53 -3.45 -4.22
N MET A 219 13.59 -2.60 -3.19
CA MET A 219 14.30 -1.30 -3.27
C MET A 219 15.78 -1.51 -3.51
N VAL A 220 16.34 -2.55 -2.88
CA VAL A 220 17.72 -2.98 -2.94
C VAL A 220 18.03 -3.75 -4.25
N ARG A 221 17.22 -4.79 -4.59
CA ARG A 221 17.44 -5.61 -5.79
C ARG A 221 17.05 -4.92 -7.10
N HIS A 222 16.11 -3.97 -7.05
CA HIS A 222 15.51 -3.28 -8.20
C HIS A 222 14.66 -4.28 -9.03
N LYS A 223 14.21 -5.37 -8.37
CA LYS A 223 13.41 -6.45 -8.95
C LYS A 223 12.46 -7.00 -7.90
N ILE A 224 11.23 -7.35 -8.35
CA ILE A 224 10.20 -7.96 -7.49
C ILE A 224 10.84 -9.18 -6.83
N LEU A 225 10.72 -9.33 -5.49
CA LEU A 225 11.32 -10.50 -4.82
C LEU A 225 10.64 -11.82 -5.21
N PHE A 226 9.30 -11.87 -5.12
CA PHE A 226 8.52 -13.09 -5.40
C PHE A 226 7.47 -12.85 -6.50
N PRO A 227 7.89 -12.87 -7.80
CA PRO A 227 6.94 -12.55 -8.88
C PRO A 227 6.07 -13.72 -9.33
N GLY A 228 5.06 -14.03 -8.51
CA GLY A 228 4.13 -15.12 -8.79
C GLY A 228 2.92 -14.75 -9.63
N ARG A 229 2.57 -15.63 -10.60
CA ARG A 229 1.40 -15.48 -11.49
C ARG A 229 0.11 -15.83 -10.73
N ASP A 230 0.24 -16.59 -9.63
CA ASP A 230 -0.84 -17.04 -8.75
C ASP A 230 -0.25 -17.38 -7.38
N TYR A 231 -1.11 -17.72 -6.38
CA TYR A 231 -0.69 -18.07 -5.01
C TYR A 231 0.24 -19.28 -4.93
N ILE A 232 0.00 -20.32 -5.78
CA ILE A 232 0.82 -21.53 -5.87
C ILE A 232 2.24 -21.12 -6.27
N ASP A 233 2.38 -20.44 -7.42
CA ASP A 233 3.64 -19.93 -7.95
C ASP A 233 4.34 -18.99 -6.93
N GLN A 234 3.54 -18.08 -6.28
CA GLN A 234 3.97 -17.13 -5.23
C GLN A 234 4.65 -17.91 -4.09
N TRP A 235 3.96 -18.95 -3.55
CA TRP A 235 4.48 -19.79 -2.48
C TRP A 235 5.79 -20.49 -2.87
N ASN A 236 5.91 -20.99 -4.14
CA ASN A 236 7.16 -21.63 -4.62
C ASN A 236 8.35 -20.68 -4.64
N LYS A 237 8.16 -19.44 -5.14
CA LYS A 237 9.21 -18.40 -5.22
C LYS A 237 9.70 -18.00 -3.81
N VAL A 238 8.79 -17.97 -2.81
CA VAL A 238 9.12 -17.66 -1.42
C VAL A 238 10.05 -18.77 -0.86
N ILE A 239 9.61 -20.05 -0.95
CA ILE A 239 10.35 -21.18 -0.40
C ILE A 239 11.66 -21.43 -1.13
N GLU A 240 11.73 -21.19 -2.47
CA GLU A 240 12.95 -21.32 -3.29
C GLU A 240 14.06 -20.40 -2.75
N GLN A 241 13.69 -19.22 -2.23
CA GLN A 241 14.67 -18.22 -1.77
C GLN A 241 14.97 -18.24 -0.27
N LEU A 242 13.92 -18.26 0.56
CA LEU A 242 14.04 -18.23 2.03
C LEU A 242 14.08 -19.63 2.65
N GLY A 243 13.65 -20.62 1.89
CA GLY A 243 13.64 -22.00 2.37
C GLY A 243 12.31 -22.39 2.98
N THR A 244 12.14 -23.69 3.18
CA THR A 244 10.96 -24.33 3.78
C THR A 244 10.83 -23.85 5.24
N PRO A 245 9.65 -23.35 5.68
CA PRO A 245 9.52 -22.91 7.08
C PRO A 245 9.60 -24.06 8.10
N CYS A 246 9.80 -23.72 9.39
CA CYS A 246 9.90 -24.63 10.55
C CYS A 246 8.66 -25.54 10.71
N PRO A 247 8.77 -26.71 11.45
CA PRO A 247 7.59 -27.55 11.67
C PRO A 247 6.51 -26.85 12.50
N GLU A 248 6.92 -25.97 13.43
CA GLU A 248 5.97 -25.18 14.27
C GLU A 248 5.03 -24.29 13.41
N PHE A 249 5.50 -23.78 12.24
CA PHE A 249 4.69 -22.97 11.30
C PHE A 249 3.66 -23.88 10.65
N MET A 250 4.10 -25.07 10.21
CA MET A 250 3.24 -26.12 9.61
C MET A 250 2.10 -26.50 10.55
N LYS A 251 2.38 -26.54 11.87
CA LYS A 251 1.43 -26.84 12.94
C LYS A 251 0.25 -25.83 13.04
N LYS A 252 0.47 -24.59 12.53
CA LYS A 252 -0.56 -23.55 12.56
C LYS A 252 -1.46 -23.57 11.32
N LEU A 253 -1.09 -24.36 10.29
CA LEU A 253 -1.88 -24.45 9.05
C LEU A 253 -3.07 -25.41 9.20
N GLN A 254 -4.18 -25.13 8.49
CA GLN A 254 -5.37 -25.99 8.41
C GLN A 254 -4.96 -27.33 7.77
N PRO A 255 -5.54 -28.49 8.18
CA PRO A 255 -5.07 -29.80 7.64
C PRO A 255 -4.78 -29.87 6.14
N THR A 256 -5.70 -29.37 5.28
CA THR A 256 -5.57 -29.39 3.81
C THR A 256 -4.38 -28.54 3.34
N VAL A 257 -4.25 -27.28 3.83
CA VAL A 257 -3.13 -26.40 3.48
C VAL A 257 -1.82 -27.03 4.00
N ARG A 258 -1.83 -27.54 5.25
CA ARG A 258 -0.68 -28.18 5.90
C ARG A 258 -0.13 -29.34 5.10
N ASN A 259 -1.02 -30.21 4.56
CA ASN A 259 -0.64 -31.36 3.73
C ASN A 259 0.00 -30.87 2.43
N TYR A 260 -0.62 -29.86 1.76
CA TYR A 260 -0.08 -29.26 0.52
C TYR A 260 1.31 -28.62 0.75
N VAL A 261 1.48 -27.82 1.82
CA VAL A 261 2.72 -27.11 2.17
C VAL A 261 3.83 -28.12 2.52
N GLU A 262 3.51 -29.16 3.32
CA GLU A 262 4.46 -30.21 3.73
C GLU A 262 4.83 -31.17 2.59
N ASN A 263 4.00 -31.24 1.51
CA ASN A 263 4.29 -32.14 0.38
C ASN A 263 4.94 -31.40 -0.81
N ARG A 264 5.26 -30.11 -0.64
CA ARG A 264 5.95 -29.30 -1.66
C ARG A 264 7.47 -29.69 -1.68
N PRO A 265 8.22 -29.49 -2.82
CA PRO A 265 9.67 -29.79 -2.79
C PRO A 265 10.39 -28.94 -1.74
N LYS A 266 11.14 -29.59 -0.83
CA LYS A 266 11.86 -28.92 0.26
C LYS A 266 13.10 -28.12 -0.19
N TYR A 267 13.40 -27.03 0.53
CA TYR A 267 14.50 -26.12 0.27
C TYR A 267 15.14 -25.65 1.57
N ALA A 268 16.48 -25.73 1.65
CA ALA A 268 17.26 -25.24 2.79
C ALA A 268 17.14 -23.69 2.87
N GLY A 269 17.04 -23.05 1.71
CA GLY A 269 16.94 -21.60 1.60
C GLY A 269 18.29 -20.93 1.55
N LEU A 270 18.28 -19.67 1.14
CA LEU A 270 19.51 -18.87 1.03
C LEU A 270 19.66 -17.94 2.22
N THR A 271 20.93 -17.71 2.61
CA THR A 271 21.28 -16.78 3.71
C THR A 271 21.05 -15.35 3.20
N PHE A 272 20.84 -14.39 4.11
CA PHE A 272 20.60 -13.00 3.73
C PHE A 272 21.82 -12.35 3.03
N PRO A 273 23.11 -12.62 3.40
CA PRO A 273 24.22 -12.10 2.55
C PRO A 273 24.12 -12.65 1.11
N LYS A 274 23.67 -13.90 0.92
CA LYS A 274 23.51 -14.51 -0.41
C LYS A 274 22.32 -13.91 -1.16
N LEU A 275 21.18 -13.74 -0.46
CA LEU A 275 19.95 -13.14 -1.00
C LEU A 275 20.17 -11.67 -1.43
N PHE A 276 20.87 -10.88 -0.59
CA PHE A 276 21.14 -9.46 -0.85
C PHE A 276 22.66 -9.22 -0.80
N PRO A 277 23.41 -9.63 -1.85
CA PRO A 277 24.87 -9.50 -1.81
C PRO A 277 25.39 -8.08 -1.69
N ASP A 278 26.67 -7.99 -1.25
CA ASP A 278 27.45 -6.75 -1.08
C ASP A 278 27.36 -5.87 -2.32
N SER A 279 27.37 -6.51 -3.52
CA SER A 279 27.24 -5.86 -4.84
C SER A 279 26.02 -4.91 -4.91
N LEU A 280 24.93 -5.25 -4.20
CA LEU A 280 23.70 -4.42 -4.17
C LEU A 280 23.85 -3.18 -3.27
N PHE A 281 24.89 -3.15 -2.43
CA PHE A 281 25.10 -2.06 -1.48
C PHE A 281 26.31 -1.18 -1.82
N ASP A 284 30.64 2.07 0.09
CA ASP A 284 31.93 2.70 -0.26
C ASP A 284 32.60 3.23 0.99
N SER A 285 32.01 4.28 1.63
CA SER A 285 32.50 4.88 2.87
C SER A 285 32.20 3.92 4.04
N GLU A 286 32.77 4.17 5.22
CA GLU A 286 32.52 3.37 6.42
C GLU A 286 31.06 3.52 6.85
N HIS A 287 30.54 4.76 6.76
CA HIS A 287 29.15 5.06 7.07
C HIS A 287 28.24 4.12 6.30
N ASN A 288 28.44 4.04 4.96
CA ASN A 288 27.60 3.23 4.06
C ASN A 288 27.77 1.73 4.31
N LYS A 289 28.97 1.30 4.69
CA LYS A 289 29.28 -0.09 5.01
C LYS A 289 28.45 -0.52 6.22
N LEU A 290 28.39 0.33 7.26
CA LEU A 290 27.65 0.05 8.50
C LEU A 290 26.17 0.05 8.21
N LYS A 291 25.68 1.06 7.48
CA LYS A 291 24.28 1.15 7.08
C LYS A 291 23.86 -0.04 6.21
N ALA A 292 24.74 -0.53 5.31
CA ALA A 292 24.44 -1.72 4.47
C ALA A 292 24.23 -2.94 5.38
N SER A 293 25.11 -3.12 6.39
CA SER A 293 25.04 -4.18 7.40
C SER A 293 23.70 -4.07 8.19
N GLN A 294 23.30 -2.86 8.58
CA GLN A 294 22.05 -2.66 9.31
C GLN A 294 20.82 -2.92 8.45
N ALA A 295 20.84 -2.50 7.15
CA ALA A 295 19.72 -2.72 6.21
C ALA A 295 19.50 -4.21 6.00
N ARG A 296 20.60 -4.98 5.84
CA ARG A 296 20.48 -6.40 5.63
C ARG A 296 19.93 -7.11 6.87
N ASP A 297 20.37 -6.69 8.08
CA ASP A 297 19.87 -7.21 9.36
C ASP A 297 18.34 -6.96 9.48
N LEU A 298 17.86 -5.78 9.07
CA LEU A 298 16.42 -5.48 9.12
C LEU A 298 15.66 -6.33 8.11
N LEU A 299 16.18 -6.49 6.87
CA LEU A 299 15.57 -7.35 5.84
C LEU A 299 15.43 -8.75 6.35
N SER A 300 16.47 -9.29 7.02
CA SER A 300 16.48 -10.64 7.60
C SER A 300 15.40 -10.86 8.67
N LYS A 301 14.93 -9.77 9.31
CA LYS A 301 13.94 -9.85 10.39
C LYS A 301 12.53 -9.63 9.91
N MET A 302 12.37 -8.98 8.77
CA MET A 302 11.04 -8.73 8.20
C MET A 302 10.63 -9.86 7.28
N LEU A 303 11.59 -10.37 6.48
CA LEU A 303 11.35 -11.42 5.51
C LEU A 303 11.45 -12.79 6.16
N VAL A 304 10.57 -13.00 7.16
CA VAL A 304 10.46 -14.21 7.96
C VAL A 304 9.08 -14.80 7.68
N ILE A 305 9.02 -16.03 7.14
CA ILE A 305 7.77 -16.71 6.80
C ILE A 305 6.83 -16.84 8.00
N ASP A 306 7.35 -17.34 9.14
CA ASP A 306 6.56 -17.53 10.36
C ASP A 306 6.26 -16.19 11.06
N PRO A 307 4.99 -15.72 11.15
CA PRO A 307 4.72 -14.42 11.83
C PRO A 307 5.06 -14.42 13.32
N ALA A 308 5.13 -15.61 13.95
CA ALA A 308 5.50 -15.75 15.37
C ALA A 308 6.95 -15.35 15.59
N LYS A 309 7.80 -15.44 14.53
CA LYS A 309 9.24 -15.14 14.56
C LYS A 309 9.62 -13.88 13.78
N ARG A 310 8.64 -13.22 13.18
CA ARG A 310 8.82 -11.99 12.38
C ARG A 310 8.74 -10.78 13.29
N ILE A 311 9.63 -9.81 13.06
CA ILE A 311 9.66 -8.57 13.82
C ILE A 311 8.33 -7.80 13.74
N SER A 312 7.96 -7.08 14.82
CA SER A 312 6.74 -6.29 14.88
C SER A 312 6.99 -4.92 14.26
N VAL A 313 5.92 -4.12 14.09
CA VAL A 313 6.01 -2.73 13.59
C VAL A 313 6.82 -1.90 14.61
N ASP A 314 6.51 -2.06 15.93
CA ASP A 314 7.19 -1.37 17.04
C ASP A 314 8.69 -1.66 17.14
N ASP A 315 9.07 -2.92 16.96
CA ASP A 315 10.48 -3.30 17.00
C ASP A 315 11.22 -2.83 15.76
N ALA A 316 10.55 -2.85 14.60
CA ALA A 316 11.14 -2.31 13.35
C ALA A 316 11.45 -0.81 13.49
N LEU A 317 10.59 -0.05 14.19
CA LEU A 317 10.77 1.39 14.43
C LEU A 317 11.91 1.68 15.38
N GLN A 318 12.31 0.70 16.22
CA GLN A 318 13.39 0.78 17.20
C GLN A 318 14.68 0.22 16.61
N HIS A 319 14.61 -0.38 15.40
CA HIS A 319 15.79 -0.96 14.75
C HIS A 319 16.78 0.18 14.40
N PRO A 320 18.11 -0.01 14.58
CA PRO A 320 19.08 1.07 14.26
C PRO A 320 18.97 1.69 12.86
N TYR A 321 18.66 0.89 11.83
CA TYR A 321 18.52 1.41 10.47
C TYR A 321 17.42 2.47 10.34
N ILE A 322 16.32 2.32 11.13
CA ILE A 322 15.11 3.15 11.13
C ILE A 322 15.11 4.24 12.23
N ASN A 323 15.55 3.85 13.45
CA ASN A 323 15.58 4.63 14.70
C ASN A 323 16.08 6.07 14.61
N VAL A 324 16.96 6.37 13.63
CA VAL A 324 17.55 7.71 13.44
C VAL A 324 16.49 8.78 13.13
N TRP A 325 15.35 8.37 12.58
CA TRP A 325 14.26 9.27 12.20
C TRP A 325 13.18 9.37 13.28
N TYR A 326 13.18 8.43 14.26
CA TYR A 326 12.18 8.31 15.33
C TYR A 326 11.75 9.63 15.91
N ASP A 327 10.46 9.95 15.73
CA ASP A 327 9.84 11.17 16.27
C ASP A 327 8.51 10.75 16.92
N PRO A 328 8.37 10.94 18.26
CA PRO A 328 7.15 10.54 18.96
C PRO A 328 5.85 11.13 18.41
N ALA A 329 5.92 12.33 17.82
CA ALA A 329 4.76 13.00 17.23
C ALA A 329 4.24 12.25 15.99
N GLU A 330 5.16 11.55 15.27
CA GLU A 330 4.84 10.79 14.05
C GLU A 330 4.51 9.33 14.33
N VAL A 331 5.19 8.72 15.32
CA VAL A 331 5.03 7.31 15.71
C VAL A 331 3.85 7.12 16.69
N GLU A 332 3.66 8.06 17.61
CA GLU A 332 2.64 7.97 18.66
C GLU A 332 1.56 9.04 18.49
N ALA A 333 1.21 9.35 17.23
CA ALA A 333 0.17 10.33 16.87
C ALA A 333 -1.21 9.86 17.35
N PRO A 334 -1.98 10.81 17.92
CA PRO A 334 -3.37 10.53 18.30
C PRO A 334 -4.07 9.56 17.33
N PRO A 335 -4.53 8.37 17.83
CA PRO A 335 -5.14 7.39 16.93
C PRO A 335 -6.51 7.77 16.39
N PRO A 336 -6.84 7.30 15.16
CA PRO A 336 -8.15 7.61 14.57
C PRO A 336 -9.37 7.15 15.39
N HIS A 348 -24.29 -5.93 0.79
CA HIS A 348 -25.43 -5.13 0.34
C HIS A 348 -25.72 -5.32 -1.13
N THR A 349 -26.94 -4.95 -1.57
CA THR A 349 -27.32 -4.98 -2.99
C THR A 349 -26.71 -3.74 -3.66
N ILE A 350 -26.84 -3.60 -5.01
CA ILE A 350 -26.34 -2.44 -5.77
C ILE A 350 -27.00 -1.16 -5.20
N GLU A 351 -28.34 -1.18 -5.07
CA GLU A 351 -29.16 -0.06 -4.58
C GLU A 351 -28.78 0.41 -3.18
N GLU A 352 -28.57 -0.52 -2.22
CA GLU A 352 -28.13 -0.18 -0.84
C GLU A 352 -26.73 0.47 -0.84
N TRP A 353 -25.75 -0.11 -1.57
CA TRP A 353 -24.40 0.44 -1.73
C TRP A 353 -24.44 1.83 -2.34
N LYS A 354 -25.30 2.02 -3.39
CA LYS A 354 -25.48 3.31 -4.04
C LYS A 354 -25.87 4.35 -2.99
N GLU A 355 -26.84 4.00 -2.12
CA GLU A 355 -27.34 4.91 -1.10
C GLU A 355 -26.32 5.16 0.00
N LEU A 356 -25.62 4.10 0.46
CA LEU A 356 -24.57 4.22 1.48
C LEU A 356 -23.42 5.11 1.01
N ILE A 357 -22.96 4.93 -0.24
CA ILE A 357 -21.86 5.70 -0.84
C ILE A 357 -22.30 7.16 -1.02
N TYR A 358 -23.50 7.38 -1.58
CA TYR A 358 -24.08 8.70 -1.79
C TYR A 358 -24.19 9.50 -0.48
N LYS A 359 -24.62 8.84 0.61
CA LYS A 359 -24.80 9.43 1.93
C LYS A 359 -23.45 9.88 2.47
N GLU A 360 -22.41 9.04 2.29
CA GLU A 360 -21.04 9.30 2.71
C GLU A 360 -20.46 10.51 1.96
N VAL A 361 -20.70 10.59 0.64
CA VAL A 361 -20.23 11.70 -0.21
C VAL A 361 -20.92 13.02 0.19
N MET A 362 -22.24 12.96 0.47
CA MET A 362 -23.02 14.13 0.86
C MET A 362 -22.80 14.57 2.32
N ASN A 363 -22.38 13.61 3.19
CA ASN A 363 -22.11 13.80 4.63
C ASN A 363 -23.31 14.35 5.40
PG ANP B . -5.77 -0.48 -7.70
O1G ANP B . -5.61 -0.88 -6.17
O2G ANP B . -7.18 -0.92 -8.30
O3G ANP B . -5.67 0.96 -7.76
PB ANP B . -4.25 -1.38 -10.09
O1B ANP B . -3.61 -0.03 -10.58
O2B ANP B . -5.47 -1.64 -10.86
N3B ANP B . -4.57 -1.27 -8.50
PA ANP B . -1.56 -2.39 -9.86
O1A ANP B . -1.39 -3.30 -8.65
O2A ANP B . -1.24 -1.00 -9.45
O3A ANP B . -3.10 -2.43 -10.30
O5' ANP B . -0.65 -3.02 -11.03
C5' ANP B . -0.55 -2.40 -12.32
C4' ANP B . 0.45 -3.16 -13.16
O4' ANP B . 1.76 -3.06 -12.55
C3' ANP B . 0.18 -4.66 -13.33
O3' ANP B . 0.42 -5.09 -14.68
C2' ANP B . 1.14 -5.32 -12.33
O2' ANP B . 1.56 -6.62 -12.72
C1' ANP B . 2.32 -4.35 -12.37
N9 ANP B . 3.14 -4.33 -11.16
C8 ANP B . 2.70 -4.24 -9.88
N7 ANP B . 3.66 -4.10 -8.98
C5 ANP B . 4.81 -4.08 -9.75
C6 ANP B . 6.17 -3.91 -9.42
N6 ANP B . 6.59 -3.58 -8.21
N1 ANP B . 7.08 -3.99 -10.42
C2 ANP B . 6.65 -4.18 -11.67
N3 ANP B . 5.38 -4.33 -12.12
C4 ANP B . 4.51 -4.26 -11.10
HNB1 ANP B . -3.91 -1.78 -7.91
H5'1 ANP B . -0.23 -1.38 -12.13
H5'2 ANP B . -1.51 -2.36 -12.83
H4' ANP B . 0.60 -2.69 -14.12
H3' ANP B . -0.87 -4.89 -13.11
HO3' ANP B . 1.29 -4.73 -14.99
H2' ANP B . 0.66 -5.36 -11.36
HO2' ANP B . 1.84 -6.59 -13.67
H1' ANP B . 2.96 -4.54 -13.23
H8 ANP B . 1.64 -4.26 -9.61
HN61 ANP B . 5.91 -3.45 -7.47
HN62 ANP B . 7.57 -3.42 -8.00
H2 ANP B . 7.42 -4.20 -12.42
N1 880 C . -1.92 7.35 -8.04
C2 880 C . -2.85 6.34 -8.00
N3 880 C . -3.92 6.68 -7.35
C4 880 C . -3.71 7.99 -6.94
C5 880 C . -2.46 8.43 -7.34
C6 880 C . -0.58 7.25 -8.64
C7 880 C . -0.57 7.59 -10.13
C10 880 C . -1.90 7.75 -10.79
C16 880 C . -2.72 4.98 -8.64
C17 880 C . -2.55 3.92 -7.56
C18 880 C . -2.39 2.54 -8.16
N19 880 C . -3.56 2.21 -9.02
C20 880 C . -3.78 3.22 -10.10
C21 880 C . -3.94 4.61 -9.50
C35 880 C . -4.75 8.58 -6.06
C35 880 C . -4.80 8.72 -6.25
C36 880 C . -1.77 9.71 -7.04
C37 880 C . -5.26 9.85 -6.34
C37 880 C . -5.46 8.13 -5.17
C38 880 C . -6.27 10.36 -5.54
C38 880 C . -6.39 8.85 -4.45
C39 880 C . -6.77 9.62 -4.47
C39 880 C . -6.70 10.16 -4.81
C40 880 C . -6.25 8.38 -4.19
C40 880 C . -6.06 10.74 -5.89
C41 880 C . -5.24 7.85 -4.99
C41 880 C . -5.10 10.03 -6.60
CL45 880 C . -6.96 11.88 -5.96
CL45 880 C . -7.16 8.09 -3.10
CL46 880 C . -8.05 10.25 -3.47
CL46 880 C . -7.83 11.10 -3.89
C47 880 C . -2.05 10.46 -5.91
C48 880 C . -1.40 11.66 -5.77
N49 880 C . -0.48 12.10 -6.65
C50 880 C . -0.21 11.27 -7.66
N51 880 C . -0.83 10.10 -7.93
N54 880 C . 0.85 11.60 -8.44
C55 880 C . 1.41 10.86 -9.57
C56 880 C . 2.12 11.80 -10.54
C57 880 C . 2.73 11.02 -11.70
C58 880 C . 3.69 9.95 -11.20
C59 880 C . 3.01 9.02 -10.21
C60 880 C . 2.38 9.80 -9.05
H061 880 C . -0.20 6.24 -8.47
H062 880 C . 0.13 7.86 -8.09
H071 880 C . -0.01 6.82 -10.66
H072 880 C . 0.02 8.49 -10.31
H101 880 C . -1.80 8.10 -11.81
H102 880 C . -2.54 8.48 -10.29
H103 880 C . -2.46 6.81 -10.83
H16 880 C . -1.86 4.93 -9.30
H171 880 C . -3.43 3.91 -6.90
H172 880 C . -1.74 4.18 -6.88
H181 880 C . -2.25 1.77 -7.41
H182 880 C . -1.48 2.51 -8.76
H19 880 C . -4.40 2.11 -8.45
H201 880 C . -4.65 2.95 -10.69
H202 880 C . -2.94 3.20 -10.79
H211 880 C . -4.14 5.34 -10.27
H212 880 C . -4.84 4.62 -8.89
H37 880 C . -4.86 10.46 -7.14
H37 880 C . -5.23 7.10 -4.87
H40 880 C . -6.64 7.80 -3.35
H40 880 C . -6.31 11.76 -6.17
H41 880 C . -4.83 6.87 -4.76
H41 880 C . -4.56 10.52 -7.39
H47 880 C . -2.69 10.09 -5.09
H48 880 C . -1.59 12.33 -4.94
H54 880 C . 1.29 12.48 -8.24
H55 880 C . 0.60 10.39 -10.14
H561 880 C . 2.89 12.37 -10.03
H562 880 C . 1.43 12.55 -10.94
H571 880 C . 3.25 11.71 -12.37
H572 880 C . 1.94 10.58 -12.31
H581 880 C . 4.58 10.42 -10.76
H582 880 C . 4.08 9.38 -12.04
H591 880 C . 3.72 8.29 -9.81
H592 880 C . 2.26 8.41 -10.71
H601 880 C . 1.88 9.12 -8.37
H602 880 C . 3.15 10.27 -8.46
H192 880 C . -3.40 1.31 -9.45
UNK UNX D . 10.35 -19.62 9.76
UNK UNX E . -2.87 14.80 7.45
UNK UNX F . 1.32 13.11 11.95
#